data_5VVF
#
_entry.id   5VVF
#
_cell.length_a   95.630
_cell.length_b   95.630
_cell.length_c   103.951
_cell.angle_alpha   90.00
_cell.angle_beta   90.00
_cell.angle_gamma   120.00
#
_symmetry.space_group_name_H-M   'P 32 2 1'
#
loop_
_entity.id
_entity.type
_entity.pdbx_description
1 polymer '354BG1 Heavy Chain'
2 polymer '354BG1 Light Chain'
3 non-polymer 1,2-ETHANEDIOL
4 water water
#
loop_
_entity_poly.entity_id
_entity_poly.type
_entity_poly.pdbx_seq_one_letter_code
_entity_poly.pdbx_strand_id
1 'polypeptide(L)'
;AEQLVESGGGLVPPGRSLRLSCSASGFYFPDYAMAWVRQAPGQGLQWVGFMRGWAYGGSAQFAAFAVGKFAISRDDGRNV
VYLDVKNPTFEDTGVYFCAREQRNKDYRYGQEGFGYSYGMDVWGRGTTVVVSTASTKGPSVFPLAPSSKSTSGGTAALGC
LVKDYFPEPVTVSWNSGALTSGVHTFPAVLQSSGLYSLSSVVTVPSSSLGTQTYICNVNHKPSNTKVDKRVEPKSCDKGL
EVLFQHHHHHH
;
H
2 'polypeptide(L)'
;DIHMTQSPVSLSASVGDRVTITCRASHFIANYVNWYQQKPGKAPTLLIFESSTLQRGVPSRFSAYGDGTEFTLSINTLQP
EDFASYICQQSHSPPVTFGAGTRVDQKRTVAAPSVFIFPPSDEQLKSGTASVVCLLNNFYPREAKVQWKVDNALQSGNSQ
ESVTEQDSKDSTYSLSSTLTLSKADYEKHKVYACEVTHQGLSSPVTKSFNRGEC
;
L
#
# COMPACT_ATOMS: atom_id res chain seq x y z
N ALA A 1 -19.35 4.66 15.63
CA ALA A 1 -19.92 4.04 16.81
C ALA A 1 -18.97 2.95 17.30
N GLU A 2 -19.15 1.73 16.78
CA GLU A 2 -18.20 0.65 17.05
C GLU A 2 -16.85 1.03 16.47
N GLN A 3 -15.78 0.83 17.24
CA GLN A 3 -14.47 1.34 16.87
C GLN A 3 -13.37 0.53 17.51
N LEU A 4 -12.28 0.31 16.76
CA LEU A 4 -11.05 -0.27 17.26
C LEU A 4 -9.92 0.69 16.93
N VAL A 5 -8.92 0.75 17.81
CA VAL A 5 -7.77 1.62 17.61
C VAL A 5 -6.52 0.85 18.01
N GLU A 6 -5.63 0.61 17.06
CA GLU A 6 -4.34 -0.03 17.31
C GLU A 6 -3.31 1.01 17.70
N SER A 7 -2.46 0.65 18.64
CA SER A 7 -1.27 1.43 18.97
C SER A 7 -0.13 0.45 19.21
N GLY A 8 1.06 0.96 19.45
CA GLY A 8 2.19 0.08 19.70
C GLY A 8 3.38 0.22 18.76
N GLY A 9 3.44 1.20 17.87
CA GLY A 9 4.75 1.62 17.40
C GLY A 9 5.02 1.79 15.92
N GLY A 10 5.87 2.74 15.60
CA GLY A 10 6.40 2.89 14.26
C GLY A 10 7.68 2.10 14.12
N LEU A 11 8.82 2.73 14.36
CA LEU A 11 10.13 2.08 14.26
C LEU A 11 10.37 1.24 15.51
N VAL A 12 10.56 -0.06 15.34
CA VAL A 12 10.80 -0.94 16.49
C VAL A 12 12.07 -1.74 16.24
N PRO A 13 12.90 -1.95 17.26
CA PRO A 13 14.18 -2.63 17.06
C PRO A 13 13.98 -4.10 16.74
N PRO A 14 14.78 -4.66 15.84
CA PRO A 14 14.72 -6.10 15.59
C PRO A 14 15.14 -6.89 16.82
N GLY A 15 14.56 -8.08 16.97
CA GLY A 15 14.91 -8.97 18.05
C GLY A 15 14.27 -8.66 19.39
N ARG A 16 13.78 -7.45 19.62
CA ARG A 16 13.16 -7.07 20.89
C ARG A 16 11.66 -7.36 20.84
N SER A 17 11.14 -8.02 21.86
CA SER A 17 9.72 -8.40 21.83
C SER A 17 8.84 -7.17 21.68
N LEU A 18 7.76 -7.33 20.93
CA LEU A 18 6.89 -6.22 20.55
C LEU A 18 5.48 -6.52 20.99
N ARG A 19 4.83 -5.54 21.62
CA ARG A 19 3.42 -5.66 22.00
C ARG A 19 2.62 -4.57 21.30
N LEU A 20 1.67 -4.99 20.47
CA LEU A 20 0.66 -4.10 19.94
C LEU A 20 -0.60 -4.21 20.80
N SER A 21 -1.35 -3.11 20.87
CA SER A 21 -2.59 -3.03 21.63
C SER A 21 -3.71 -2.64 20.68
N CYS A 22 -4.88 -3.27 20.85
CA CYS A 22 -6.09 -2.91 20.12
C CYS A 22 -7.18 -2.56 21.13
N SER A 23 -7.52 -1.28 21.23
CA SER A 23 -8.52 -0.80 22.21
C SER A 23 -9.88 -0.67 21.53
N ALA A 24 -10.91 -1.21 22.18
CA ALA A 24 -12.26 -1.23 21.62
C ALA A 24 -13.17 -0.24 22.33
N SER A 25 -14.16 0.27 21.59
CA SER A 25 -15.20 1.08 22.19
C SER A 25 -16.46 0.96 21.33
N GLY A 26 -17.59 1.25 21.95
CA GLY A 26 -18.86 1.27 21.24
C GLY A 26 -19.52 -0.07 21.05
N PHE A 27 -18.98 -1.15 21.61
CA PHE A 27 -19.66 -2.44 21.55
C PHE A 27 -19.23 -3.28 22.75
N TYR A 28 -19.96 -4.36 22.97
CA TYR A 28 -19.65 -5.26 24.08
C TYR A 28 -18.54 -6.21 23.64
N PHE A 29 -17.31 -5.73 23.79
CA PHE A 29 -16.10 -6.44 23.35
C PHE A 29 -15.98 -7.91 23.77
N PRO A 30 -16.33 -8.31 25.00
CA PRO A 30 -16.13 -9.73 25.37
C PRO A 30 -17.04 -10.71 24.65
N ASP A 31 -18.07 -10.25 23.96
CA ASP A 31 -18.84 -11.12 23.07
C ASP A 31 -18.09 -11.49 21.79
N TYR A 32 -17.00 -10.80 21.46
CA TYR A 32 -16.45 -10.85 20.11
C TYR A 32 -15.11 -11.55 20.06
N ALA A 33 -14.97 -12.42 19.06
CA ALA A 33 -13.67 -12.96 18.69
C ALA A 33 -12.91 -11.90 17.92
N MET A 34 -11.61 -11.78 18.20
CA MET A 34 -10.78 -10.69 17.68
C MET A 34 -9.63 -11.26 16.87
N ALA A 35 -9.38 -10.65 15.72
CA ALA A 35 -8.32 -11.09 14.81
C ALA A 35 -7.28 -9.99 14.61
N TRP A 36 -6.06 -10.43 14.27
CA TRP A 36 -5.00 -9.55 13.82
C TRP A 36 -4.66 -9.91 12.38
N VAL A 37 -4.65 -8.91 11.51
CA VAL A 37 -4.39 -9.06 10.09
C VAL A 37 -3.39 -7.98 9.71
N ARG A 38 -2.32 -8.37 9.00
CA ARG A 38 -1.26 -7.44 8.68
C ARG A 38 -1.10 -7.30 7.18
N GLN A 39 -0.47 -6.20 6.77
CA GLN A 39 -0.36 -5.87 5.36
C GLN A 39 1.02 -5.25 5.11
N ALA A 40 1.91 -6.05 4.55
CA ALA A 40 3.25 -5.58 4.29
C ALA A 40 3.21 -4.57 3.14
N PRO A 41 4.21 -3.69 3.03
CA PRO A 41 4.16 -2.65 1.98
C PRO A 41 3.94 -3.18 0.58
N GLY A 42 2.85 -2.77 -0.06
CA GLY A 42 2.54 -3.25 -1.39
C GLY A 42 2.03 -4.66 -1.48
N GLN A 43 1.73 -5.32 -0.36
CA GLN A 43 1.30 -6.71 -0.36
C GLN A 43 -0.19 -6.79 0.01
N GLY A 44 -0.73 -8.01 -0.04
CA GLY A 44 -2.12 -8.23 0.31
C GLY A 44 -2.30 -8.50 1.79
N LEU A 45 -3.54 -8.78 2.16
CA LEU A 45 -3.84 -9.00 3.56
C LEU A 45 -3.33 -10.37 4.01
N GLN A 46 -2.73 -10.43 5.20
CA GLN A 46 -2.20 -11.67 5.75
C GLN A 46 -2.71 -11.85 7.18
N TRP A 47 -3.56 -12.86 7.40
CA TRP A 47 -4.13 -13.15 8.71
C TRP A 47 -3.04 -13.69 9.60
N VAL A 48 -2.85 -13.04 10.74
CA VAL A 48 -1.85 -13.49 11.70
C VAL A 48 -2.43 -14.54 12.63
N GLY A 49 -3.59 -14.23 13.23
CA GLY A 49 -4.29 -15.18 14.05
C GLY A 49 -5.46 -14.47 14.70
N PHE A 50 -6.20 -15.22 15.49
CA PHE A 50 -7.36 -14.66 16.18
C PHE A 50 -7.53 -15.37 17.51
N MET A 51 -8.34 -14.74 18.39
CA MET A 51 -8.67 -15.33 19.68
C MET A 51 -10.16 -15.19 19.93
N ARG A 52 -10.75 -16.26 20.45
CA ARG A 52 -12.17 -16.35 20.71
C ARG A 52 -12.49 -15.63 22.02
N GLY A 53 -13.76 -15.25 22.16
CA GLY A 53 -14.23 -14.71 23.43
C GLY A 53 -14.32 -15.80 24.50
N TRP A 54 -14.53 -15.37 25.74
CA TRP A 54 -14.52 -16.33 26.84
C TRP A 54 -15.61 -17.39 26.69
N ALA A 55 -16.75 -17.02 26.08
CA ALA A 55 -17.88 -17.95 26.05
C ALA A 55 -17.65 -19.09 25.07
N TYR A 56 -16.71 -18.94 24.14
CA TYR A 56 -16.35 -20.02 23.23
C TYR A 56 -14.98 -20.59 23.59
N GLY A 57 -14.60 -20.50 24.87
CA GLY A 57 -13.37 -21.07 25.35
C GLY A 57 -12.16 -20.17 25.32
N GLY A 58 -12.20 -19.10 24.53
CA GLY A 58 -11.08 -18.17 24.51
C GLY A 58 -9.81 -18.74 23.93
N SER A 59 -9.89 -19.84 23.19
CA SER A 59 -8.69 -20.37 22.54
C SER A 59 -8.24 -19.47 21.38
N ALA A 60 -6.99 -19.66 20.93
CA ALA A 60 -6.46 -18.88 19.82
C ALA A 60 -5.84 -19.79 18.78
N GLN A 61 -5.95 -19.38 17.52
CA GLN A 61 -5.35 -20.08 16.39
C GLN A 61 -4.61 -19.09 15.50
N PHE A 62 -3.58 -19.59 14.80
CA PHE A 62 -2.64 -18.75 14.08
C PHE A 62 -2.32 -19.35 12.71
N ALA A 63 -1.94 -18.48 11.77
CA ALA A 63 -1.36 -18.95 10.53
C ALA A 63 -0.08 -19.76 10.83
N ALA A 64 0.28 -20.64 9.88
CA ALA A 64 1.37 -21.58 10.11
C ALA A 64 2.66 -20.86 10.49
N PHE A 65 3.03 -19.83 9.71
CA PHE A 65 4.25 -19.08 9.99
C PHE A 65 4.24 -18.44 11.39
N ALA A 66 3.05 -18.14 11.94
CA ALA A 66 2.93 -17.36 13.18
C ALA A 66 2.93 -18.22 14.44
N VAL A 67 2.63 -19.51 14.32
CA VAL A 67 2.51 -20.40 15.47
C VAL A 67 3.76 -20.33 16.33
N GLY A 68 3.59 -20.08 17.63
CA GLY A 68 4.70 -20.03 18.56
C GLY A 68 5.57 -18.79 18.49
N LYS A 69 5.44 -17.99 17.44
CA LYS A 69 6.24 -16.79 17.30
C LYS A 69 5.46 -15.52 17.64
N PHE A 70 4.14 -15.58 17.52
CA PHE A 70 3.23 -14.53 17.98
C PHE A 70 2.34 -15.08 19.09
N ALA A 71 1.79 -14.18 19.89
CA ALA A 71 0.78 -14.53 20.88
C ALA A 71 -0.29 -13.45 20.92
N ILE A 72 -1.50 -13.89 21.24
CA ILE A 72 -2.67 -13.03 21.42
C ILE A 72 -3.23 -13.26 22.82
N SER A 73 -3.56 -12.17 23.50
CA SER A 73 -4.27 -12.25 24.78
C SER A 73 -5.21 -11.06 24.86
N ARG A 74 -6.19 -11.18 25.74
CA ARG A 74 -7.19 -10.13 25.88
C ARG A 74 -7.42 -9.83 27.35
N ASP A 75 -7.73 -8.56 27.63
CA ASP A 75 -8.09 -8.06 28.95
C ASP A 75 -9.50 -7.46 28.79
N ASP A 76 -10.53 -8.26 29.05
CA ASP A 76 -11.89 -7.84 28.72
C ASP A 76 -12.31 -6.62 29.52
N GLY A 77 -11.92 -6.54 30.80
CA GLY A 77 -12.32 -5.40 31.61
C GLY A 77 -11.72 -4.10 31.11
N ARG A 78 -10.60 -4.18 30.39
CA ARG A 78 -9.98 -3.02 29.78
C ARG A 78 -10.34 -2.86 28.30
N ASN A 79 -11.22 -3.71 27.78
CA ASN A 79 -11.62 -3.72 26.37
C ASN A 79 -10.42 -3.59 25.43
N VAL A 80 -9.45 -4.48 25.60
CA VAL A 80 -8.27 -4.46 24.75
C VAL A 80 -7.86 -5.89 24.39
N VAL A 81 -7.36 -6.04 23.15
CA VAL A 81 -6.65 -7.24 22.69
C VAL A 81 -5.22 -6.85 22.39
N TYR A 82 -4.31 -7.79 22.63
CA TYR A 82 -2.89 -7.59 22.42
C TYR A 82 -2.37 -8.56 21.36
N LEU A 83 -1.34 -8.12 20.65
CA LEU A 83 -0.53 -9.02 19.84
C LEU A 83 0.90 -8.89 20.31
N ASP A 84 1.49 -10.00 20.73
CA ASP A 84 2.89 -10.02 21.09
C ASP A 84 3.68 -10.73 19.99
N VAL A 85 4.80 -10.13 19.59
CA VAL A 85 5.68 -10.65 18.56
C VAL A 85 7.02 -10.91 19.22
N LYS A 86 7.40 -12.18 19.36
CA LYS A 86 8.70 -12.48 19.92
C LYS A 86 9.74 -12.48 18.80
N ASN A 87 10.81 -11.74 18.99
CA ASN A 87 11.84 -11.69 17.97
C ASN A 87 11.32 -11.17 16.63
N PRO A 88 10.96 -9.89 16.53
CA PRO A 88 10.55 -9.35 15.23
C PRO A 88 11.73 -9.20 14.29
N THR A 89 11.48 -9.38 13.00
CA THR A 89 12.49 -9.13 11.98
C THR A 89 11.88 -8.26 10.89
N PHE A 90 12.71 -7.94 9.89
CA PHE A 90 12.25 -7.06 8.83
C PHE A 90 11.00 -7.60 8.16
N GLU A 91 10.87 -8.93 8.12
CA GLU A 91 9.71 -9.60 7.52
C GLU A 91 8.40 -9.23 8.21
N ASP A 92 8.45 -8.72 9.44
CA ASP A 92 7.25 -8.36 10.17
C ASP A 92 6.84 -6.90 9.96
N THR A 93 7.54 -6.18 9.10
CA THR A 93 7.14 -4.83 8.77
C THR A 93 5.80 -4.82 8.05
N GLY A 94 4.97 -3.86 8.39
CA GLY A 94 3.72 -3.64 7.69
C GLY A 94 2.73 -2.93 8.60
N VAL A 95 1.53 -2.77 8.07
CA VAL A 95 0.41 -2.23 8.86
C VAL A 95 -0.30 -3.38 9.54
N TYR A 96 -0.54 -3.27 10.83
CA TYR A 96 -1.22 -4.30 11.59
C TYR A 96 -2.64 -3.83 11.92
N PHE A 97 -3.63 -4.53 11.39
CA PHE A 97 -5.03 -4.23 11.69
C PHE A 97 -5.53 -5.17 12.77
N CYS A 98 -6.39 -4.64 13.61
CA CYS A 98 -7.19 -5.40 14.53
C CYS A 98 -8.61 -5.43 13.98
N ALA A 99 -9.28 -6.57 14.09
CA ALA A 99 -10.63 -6.67 13.57
C ALA A 99 -11.43 -7.67 14.40
N ARG A 100 -12.75 -7.43 14.50
CA ARG A 100 -13.63 -8.36 15.19
C ARG A 100 -14.38 -9.22 14.17
N GLU A 101 -14.67 -10.46 14.56
CA GLU A 101 -15.54 -11.29 13.74
C GLU A 101 -17.00 -10.97 14.04
N GLN A 102 -17.77 -10.66 13.00
CA GLN A 102 -19.19 -10.35 13.20
C GLN A 102 -19.95 -11.56 13.71
N ARG A 103 -20.95 -11.33 14.58
CA ARG A 103 -21.88 -12.38 14.95
C ARG A 103 -23.09 -12.36 14.01
N ASN A 104 -23.87 -13.45 14.03
CA ASN A 104 -24.92 -13.65 13.04
C ASN A 104 -26.23 -12.99 13.46
N LYS A 105 -27.31 -13.30 12.72
CA LYS A 105 -28.65 -12.77 12.99
C LYS A 105 -29.10 -13.02 14.42
N ASP A 106 -28.74 -14.17 14.98
CA ASP A 106 -29.20 -14.56 16.31
C ASP A 106 -28.22 -14.19 17.42
N TYR A 107 -27.37 -13.17 17.19
CA TYR A 107 -26.39 -12.68 18.18
C TYR A 107 -25.48 -13.81 18.63
N ARG A 108 -25.00 -14.58 17.65
CA ARG A 108 -24.33 -15.85 17.87
C ARG A 108 -23.28 -16.03 16.78
N TYR A 109 -22.26 -16.83 17.09
CA TYR A 109 -21.40 -17.41 16.07
C TYR A 109 -21.99 -18.76 15.65
N GLY A 110 -21.47 -19.32 14.57
CA GLY A 110 -22.08 -20.51 14.01
C GLY A 110 -21.99 -21.71 14.95
N GLN A 111 -22.98 -22.58 14.87
CA GLN A 111 -23.02 -23.76 15.72
C GLN A 111 -22.24 -24.94 15.17
N GLU A 112 -22.11 -25.05 13.85
CA GLU A 112 -21.38 -26.13 13.21
C GLU A 112 -20.06 -25.61 12.65
N GLY A 113 -19.03 -26.44 12.74
CA GLY A 113 -17.77 -26.12 12.08
C GLY A 113 -17.00 -24.99 12.74
N PHE A 114 -16.22 -24.28 11.92
CA PHE A 114 -15.40 -23.18 12.42
C PHE A 114 -16.27 -22.17 13.17
N GLY A 115 -17.30 -21.63 12.51
CA GLY A 115 -18.30 -20.80 13.17
C GLY A 115 -18.13 -19.31 12.98
N TYR A 116 -17.03 -18.86 12.40
CA TYR A 116 -16.75 -17.44 12.22
C TYR A 116 -16.90 -17.08 10.75
N SER A 117 -18.16 -17.01 10.32
CA SER A 117 -18.43 -16.91 8.89
C SER A 117 -19.32 -15.72 8.54
N TYR A 118 -19.35 -14.68 9.39
CA TYR A 118 -20.20 -13.53 9.12
C TYR A 118 -19.37 -12.30 8.77
N GLY A 119 -18.08 -12.49 8.50
CA GLY A 119 -17.19 -11.44 8.02
C GLY A 119 -16.59 -10.63 9.15
N MET A 120 -15.47 -9.97 8.84
CA MET A 120 -14.84 -9.05 9.79
C MET A 120 -15.46 -7.66 9.54
N ASP A 121 -16.44 -7.26 10.38
CA ASP A 121 -17.22 -6.06 10.09
C ASP A 121 -16.65 -4.78 10.69
N VAL A 122 -15.82 -4.87 11.72
CA VAL A 122 -15.19 -3.69 12.31
C VAL A 122 -13.68 -3.88 12.34
N TRP A 123 -12.95 -2.92 11.78
CA TRP A 123 -11.51 -2.93 11.63
C TRP A 123 -10.95 -1.66 12.22
N GLY A 124 -9.80 -1.77 12.87
CA GLY A 124 -9.09 -0.57 13.24
C GLY A 124 -8.53 0.14 12.01
N ARG A 125 -8.05 1.36 12.22
CA ARG A 125 -7.44 2.12 11.14
C ARG A 125 -6.07 1.57 10.73
N GLY A 126 -5.46 0.72 11.54
CA GLY A 126 -4.16 0.13 11.31
C GLY A 126 -3.04 0.89 12.00
N THR A 127 -2.03 0.15 12.46
CA THR A 127 -0.83 0.76 13.00
C THR A 127 0.38 0.31 12.19
N THR A 128 1.15 1.27 11.68
CA THR A 128 2.32 0.99 10.88
C THR A 128 3.46 0.56 11.79
N VAL A 129 3.99 -0.65 11.55
CA VAL A 129 5.14 -1.19 12.28
C VAL A 129 6.29 -1.36 11.30
N VAL A 130 7.45 -0.78 11.62
CA VAL A 130 8.66 -0.90 10.78
C VAL A 130 9.79 -1.46 11.63
N VAL A 131 10.22 -2.68 11.32
CA VAL A 131 11.29 -3.35 12.08
C VAL A 131 12.63 -2.99 11.46
N SER A 132 13.41 -2.18 12.17
CA SER A 132 14.65 -1.60 11.68
C SER A 132 15.43 -1.04 12.86
N THR A 133 16.71 -0.76 12.63
CA THR A 133 17.56 -0.13 13.64
C THR A 133 17.62 1.39 13.48
N ALA A 134 16.91 1.95 12.50
CA ALA A 134 17.05 3.37 12.22
C ALA A 134 16.34 4.19 13.31
N SER A 135 16.66 5.47 13.34
CA SER A 135 16.04 6.37 14.29
C SER A 135 15.13 7.37 13.59
N THR A 136 14.20 7.92 14.35
CA THR A 136 13.36 9.01 13.87
C THR A 136 14.21 10.20 13.44
N LYS A 137 13.85 10.81 12.31
CA LYS A 137 14.59 11.96 11.81
C LYS A 137 13.81 12.64 10.70
N GLY A 138 14.10 13.92 10.49
CA GLY A 138 13.58 14.64 9.36
C GLY A 138 14.24 14.23 8.07
N PRO A 139 13.77 14.80 6.97
CA PRO A 139 14.26 14.40 5.64
C PRO A 139 15.37 15.30 5.12
N SER A 140 16.21 14.70 4.27
CA SER A 140 17.18 15.43 3.47
C SER A 140 16.54 15.73 2.12
N VAL A 141 16.68 16.96 1.65
CA VAL A 141 16.05 17.40 0.40
C VAL A 141 17.16 17.67 -0.61
N PHE A 142 17.08 17.01 -1.76
CA PHE A 142 18.03 17.19 -2.84
C PHE A 142 17.30 17.59 -4.12
N PRO A 143 17.86 18.50 -4.90
CA PRO A 143 17.20 18.88 -6.15
C PRO A 143 17.30 17.77 -7.18
N LEU A 144 16.26 17.67 -8.00
CA LEU A 144 16.26 16.86 -9.22
C LEU A 144 16.42 17.83 -10.38
N ALA A 145 17.66 17.96 -10.87
CA ALA A 145 18.01 19.02 -11.81
C ALA A 145 17.33 18.81 -13.15
N PRO A 146 16.72 19.86 -13.73
CA PRO A 146 15.96 19.88 -14.99
C PRO A 146 16.56 19.04 -16.11
N THR A 155 8.94 21.10 -23.33
CA THR A 155 8.45 20.63 -22.02
C THR A 155 9.56 19.94 -21.22
N ALA A 156 9.83 20.44 -20.03
CA ALA A 156 10.90 19.93 -19.17
C ALA A 156 10.34 19.61 -17.79
N ALA A 157 11.11 18.84 -17.02
CA ALA A 157 10.69 18.42 -15.69
C ALA A 157 11.80 18.67 -14.68
N LEU A 158 11.40 19.09 -13.47
CA LEU A 158 12.30 19.21 -12.34
C LEU A 158 11.56 18.75 -11.08
N GLY A 159 12.28 18.70 -9.97
CA GLY A 159 11.67 18.19 -8.76
C GLY A 159 12.59 18.22 -7.56
N CYS A 160 12.09 17.63 -6.47
CA CYS A 160 12.79 17.53 -5.19
C CYS A 160 12.72 16.11 -4.68
N LEU A 161 13.86 15.59 -4.24
CA LEU A 161 13.97 14.27 -3.62
C LEU A 161 13.99 14.46 -2.10
N VAL A 162 12.96 13.96 -1.44
CA VAL A 162 12.76 14.10 0.00
C VAL A 162 13.08 12.73 0.60
N LYS A 163 14.25 12.62 1.23
CA LYS A 163 14.85 11.31 1.47
C LYS A 163 15.20 11.10 2.93
N ASP A 164 14.96 9.88 3.41
CA ASP A 164 15.41 9.37 4.70
C ASP A 164 14.74 10.07 5.88
N TYR A 165 13.44 9.84 6.05
CA TYR A 165 12.69 10.43 7.16
C TYR A 165 11.75 9.40 7.77
N PHE A 166 11.40 9.63 9.03
CA PHE A 166 10.42 8.82 9.76
C PHE A 166 9.93 9.62 10.96
N PRO A 167 8.62 9.65 11.22
CA PRO A 167 7.59 8.92 10.48
C PRO A 167 6.92 9.75 9.40
N GLU A 168 5.93 9.15 8.77
CA GLU A 168 5.01 9.92 7.95
C GLU A 168 4.24 10.89 8.84
N PRO A 169 3.72 11.99 8.28
CA PRO A 169 3.88 12.38 6.87
C PRO A 169 4.76 13.60 6.68
N VAL A 170 5.08 13.88 5.41
CA VAL A 170 5.66 15.15 5.04
C VAL A 170 4.68 15.85 4.10
N THR A 171 4.79 17.17 4.04
CA THR A 171 4.01 17.94 3.09
C THR A 171 4.97 18.73 2.20
N VAL A 172 4.63 18.79 0.92
CA VAL A 172 5.47 19.43 -0.08
C VAL A 172 4.59 20.36 -0.91
N SER A 173 5.02 21.60 -1.05
CA SER A 173 4.40 22.55 -1.96
C SER A 173 5.49 23.16 -2.82
N TRP A 174 5.08 23.90 -3.83
CA TRP A 174 6.02 24.50 -4.77
C TRP A 174 5.75 25.99 -4.86
N ASN A 175 6.80 26.79 -4.67
CA ASN A 175 6.69 28.24 -4.65
C ASN A 175 5.61 28.70 -3.67
N SER A 176 5.65 28.07 -2.49
CA SER A 176 4.77 28.43 -1.37
C SER A 176 3.29 28.31 -1.76
N GLY A 177 2.99 27.44 -2.72
CA GLY A 177 1.63 27.22 -3.19
C GLY A 177 1.31 27.81 -4.55
N ALA A 178 2.18 28.69 -5.09
CA ALA A 178 1.87 29.38 -6.33
C ALA A 178 2.00 28.47 -7.55
N LEU A 179 2.70 27.35 -7.45
CA LEU A 179 2.86 26.41 -8.56
C LEU A 179 2.11 25.13 -8.22
N THR A 180 1.08 24.82 -9.00
CA THR A 180 0.29 23.61 -8.78
C THR A 180 0.12 22.79 -10.06
N SER A 181 0.18 23.48 -11.21
CA SER A 181 -0.03 22.80 -12.49
C SER A 181 1.14 21.88 -12.81
N GLY A 182 0.83 20.59 -12.96
CA GLY A 182 1.84 19.60 -13.30
C GLY A 182 2.63 19.07 -12.14
N VAL A 183 2.23 19.34 -10.91
CA VAL A 183 2.92 18.84 -9.73
C VAL A 183 2.43 17.44 -9.41
N HIS A 184 3.36 16.53 -9.15
CA HIS A 184 3.05 15.19 -8.66
C HIS A 184 3.98 14.91 -7.50
N THR A 185 3.43 14.83 -6.29
CA THR A 185 4.18 14.39 -5.11
C THR A 185 3.82 12.92 -4.87
N PHE A 186 4.83 12.03 -4.94
CA PHE A 186 4.64 10.60 -4.95
C PHE A 186 4.45 10.06 -3.52
N PRO A 187 3.63 9.00 -3.38
CA PRO A 187 3.54 8.30 -2.10
C PRO A 187 4.92 7.96 -1.57
N ALA A 188 5.09 8.11 -0.27
CA ALA A 188 6.29 7.61 0.39
C ALA A 188 6.45 6.12 0.11
N VAL A 189 7.69 5.70 -0.11
CA VAL A 189 8.03 4.28 -0.15
C VAL A 189 9.08 4.02 0.93
N LEU A 190 8.98 2.86 1.58
CA LEU A 190 9.88 2.46 2.64
C LEU A 190 11.15 1.87 2.06
N GLN A 191 12.30 2.37 2.48
CA GLN A 191 13.57 1.85 2.04
C GLN A 191 14.00 0.70 2.94
N SER A 192 15.03 -0.02 2.49
CA SER A 192 15.55 -1.15 3.24
C SER A 192 16.12 -0.72 4.58
N SER A 193 16.56 0.54 4.67
CA SER A 193 17.05 1.13 5.92
C SER A 193 15.94 1.30 6.95
N GLY A 194 14.68 1.25 6.55
CA GLY A 194 13.56 1.53 7.42
C GLY A 194 13.07 2.96 7.36
N LEU A 195 13.72 3.82 6.58
CA LEU A 195 13.31 5.20 6.44
C LEU A 195 12.58 5.39 5.12
N TYR A 196 11.67 6.36 5.10
CA TYR A 196 10.89 6.69 3.92
C TYR A 196 11.70 7.58 2.97
N SER A 197 11.29 7.56 1.71
CA SER A 197 11.81 8.48 0.73
C SER A 197 10.76 8.72 -0.33
N LEU A 198 10.80 9.91 -0.92
CA LEU A 198 9.75 10.36 -1.81
C LEU A 198 10.33 11.42 -2.72
N SER A 199 9.75 11.54 -3.91
CA SER A 199 10.07 12.59 -4.86
C SER A 199 8.84 13.43 -5.14
N SER A 200 9.04 14.73 -5.31
CA SER A 200 8.00 15.62 -5.83
C SER A 200 8.55 16.22 -7.11
N VAL A 201 7.72 16.23 -8.15
CA VAL A 201 8.13 16.66 -9.48
C VAL A 201 7.07 17.60 -10.06
N VAL A 202 7.48 18.37 -11.07
CA VAL A 202 6.58 19.21 -11.82
C VAL A 202 7.13 19.36 -13.24
N THR A 203 6.24 19.30 -14.22
CA THR A 203 6.64 19.61 -15.59
C THR A 203 6.45 21.10 -15.84
N VAL A 204 7.30 21.64 -16.68
CA VAL A 204 7.45 23.09 -16.81
C VAL A 204 7.96 23.35 -18.22
N PRO A 205 7.66 24.51 -18.82
CA PRO A 205 8.21 24.81 -20.15
C PRO A 205 9.70 25.13 -20.08
N SER A 206 10.48 24.49 -20.95
CA SER A 206 11.93 24.63 -20.90
C SER A 206 12.38 26.07 -21.12
N SER A 207 11.51 26.94 -21.66
CA SER A 207 11.86 28.35 -21.80
C SER A 207 11.87 29.06 -20.46
N SER A 208 11.01 28.64 -19.53
CA SER A 208 10.86 29.37 -18.27
C SER A 208 12.10 29.27 -17.38
N LEU A 209 12.98 28.30 -17.63
CA LEU A 209 14.19 28.15 -16.84
C LEU A 209 15.15 29.32 -17.04
N GLN A 212 11.59 31.66 -14.79
CA GLN A 212 10.93 31.53 -13.51
C GLN A 212 11.77 30.69 -12.54
N THR A 213 11.73 31.05 -11.26
CA THR A 213 12.48 30.34 -10.24
C THR A 213 11.60 29.24 -9.65
N TYR A 214 12.24 28.15 -9.21
CA TYR A 214 11.51 26.99 -8.71
C TYR A 214 12.06 26.59 -7.34
N ILE A 215 11.18 26.56 -6.34
CA ILE A 215 11.54 26.23 -4.96
C ILE A 215 10.48 25.28 -4.40
N CYS A 216 10.92 24.10 -3.96
CA CYS A 216 10.04 23.18 -3.25
C CYS A 216 10.15 23.41 -1.75
N ASN A 217 8.99 23.43 -1.09
CA ASN A 217 8.90 23.70 0.34
C ASN A 217 8.40 22.43 0.99
N VAL A 218 9.29 21.71 1.65
CA VAL A 218 8.91 20.47 2.33
C VAL A 218 8.89 20.74 3.82
N ASN A 219 7.85 20.24 4.47
CA ASN A 219 7.65 20.38 5.90
C ASN A 219 7.43 18.98 6.48
N HIS A 220 8.13 18.67 7.56
CA HIS A 220 8.00 17.40 8.27
C HIS A 220 7.77 17.75 9.74
N LYS A 221 6.50 17.88 10.11
CA LYS A 221 6.15 18.31 11.46
C LYS A 221 6.69 17.40 12.57
N PRO A 222 6.67 16.07 12.45
CA PRO A 222 7.17 15.23 13.56
C PRO A 222 8.57 15.55 14.02
N SER A 223 9.41 16.12 13.17
CA SER A 223 10.77 16.50 13.53
C SER A 223 10.99 18.01 13.53
N ASN A 224 9.91 18.78 13.40
CA ASN A 224 9.98 20.25 13.38
C ASN A 224 10.91 20.73 12.27
N THR A 225 10.82 20.10 11.09
CA THR A 225 11.72 20.36 9.98
C THR A 225 10.97 21.07 8.86
N LYS A 226 11.43 22.27 8.51
CA LYS A 226 10.96 22.99 7.33
C LYS A 226 12.16 23.28 6.43
N VAL A 227 12.05 22.92 5.15
CA VAL A 227 13.13 23.09 4.19
C VAL A 227 12.56 23.67 2.90
N ASP A 228 13.27 24.66 2.34
CA ASP A 228 12.98 25.20 1.02
C ASP A 228 14.23 25.06 0.17
N LYS A 229 14.16 24.27 -0.88
CA LYS A 229 15.31 24.00 -1.74
C LYS A 229 15.09 24.58 -3.12
N ARG A 230 16.08 25.33 -3.62
CA ARG A 230 16.05 25.90 -4.96
C ARG A 230 16.53 24.86 -5.97
N VAL A 231 15.76 24.67 -7.03
CA VAL A 231 16.03 23.67 -8.05
C VAL A 231 16.43 24.41 -9.32
N GLU A 232 17.75 24.53 -9.57
CA GLU A 232 18.30 25.18 -10.74
C GLU A 232 18.91 24.15 -11.68
N PRO A 233 18.97 24.44 -12.98
CA PRO A 233 19.64 23.55 -13.95
C PRO A 233 21.11 23.26 -13.56
N ASP B 1 -3.49 -25.35 3.90
CA ASP B 1 -4.31 -24.16 3.91
C ASP B 1 -5.09 -24.07 2.62
N ILE B 2 -6.14 -23.27 2.64
CA ILE B 2 -7.01 -23.09 1.50
C ILE B 2 -6.54 -21.84 0.79
N HIS B 3 -6.25 -21.95 -0.50
CA HIS B 3 -5.74 -20.81 -1.22
C HIS B 3 -6.81 -20.19 -2.13
N MET B 4 -6.80 -18.87 -2.19
CA MET B 4 -7.81 -18.09 -2.91
C MET B 4 -7.14 -17.35 -4.04
N THR B 5 -7.64 -17.55 -5.26
CA THR B 5 -7.03 -16.99 -6.46
C THR B 5 -7.98 -16.02 -7.13
N GLN B 6 -7.66 -14.74 -7.08
CA GLN B 6 -8.51 -13.68 -7.60
C GLN B 6 -8.12 -13.32 -9.02
N SER B 7 -9.11 -13.22 -9.90
CA SER B 7 -8.92 -12.75 -11.25
C SER B 7 -10.06 -11.82 -11.62
N PRO B 8 -9.80 -10.82 -12.49
CA PRO B 8 -8.44 -10.46 -12.93
C PRO B 8 -7.67 -9.71 -11.85
N VAL B 9 -6.36 -9.55 -12.05
CA VAL B 9 -5.55 -8.78 -11.12
C VAL B 9 -5.98 -7.31 -11.18
N SER B 10 -6.31 -6.84 -12.38
CA SER B 10 -6.60 -5.45 -12.63
C SER B 10 -7.73 -5.37 -13.65
N LEU B 11 -8.58 -4.36 -13.50
CA LEU B 11 -9.80 -4.20 -14.28
C LEU B 11 -10.01 -2.71 -14.52
N SER B 12 -10.28 -2.32 -15.76
CA SER B 12 -10.62 -0.94 -16.07
C SER B 12 -12.11 -0.85 -16.44
N ALA B 13 -12.84 0.05 -15.80
CA ALA B 13 -14.28 0.16 -16.04
C ALA B 13 -14.71 1.62 -16.02
N SER B 14 -15.92 1.86 -16.52
CA SER B 14 -16.51 3.18 -16.55
C SER B 14 -17.69 3.23 -15.60
N VAL B 15 -17.94 4.43 -15.05
CA VAL B 15 -19.17 4.64 -14.29
C VAL B 15 -20.35 4.14 -15.12
N GLY B 16 -21.19 3.30 -14.51
CA GLY B 16 -22.32 2.72 -15.19
C GLY B 16 -22.07 1.32 -15.73
N ASP B 17 -20.83 0.86 -15.76
CA ASP B 17 -20.54 -0.50 -16.20
C ASP B 17 -20.93 -1.50 -15.13
N ARG B 18 -21.41 -2.65 -15.57
CA ARG B 18 -21.55 -3.81 -14.70
C ARG B 18 -20.20 -4.52 -14.60
N VAL B 19 -19.69 -4.67 -13.39
CA VAL B 19 -18.35 -5.17 -13.14
C VAL B 19 -18.44 -6.53 -12.44
N THR B 20 -17.64 -7.49 -12.89
CA THR B 20 -17.63 -8.85 -12.35
C THR B 20 -16.21 -9.26 -11.99
N ILE B 21 -16.02 -9.64 -10.73
CA ILE B 21 -14.71 -10.07 -10.20
C ILE B 21 -14.88 -11.50 -9.68
N THR B 22 -13.86 -12.32 -9.91
CA THR B 22 -13.92 -13.74 -9.62
C THR B 22 -12.83 -14.13 -8.63
N CYS B 23 -13.17 -15.08 -7.75
CA CYS B 23 -12.25 -15.66 -6.79
C CYS B 23 -12.41 -17.18 -6.88
N ARG B 24 -11.28 -17.90 -6.93
CA ARG B 24 -11.31 -19.35 -7.00
C ARG B 24 -10.63 -19.94 -5.78
N ALA B 25 -11.30 -20.90 -5.12
CA ALA B 25 -10.75 -21.61 -3.98
C ALA B 25 -10.11 -22.93 -4.40
N SER B 26 -8.97 -23.26 -3.76
CA SER B 26 -8.30 -24.52 -4.04
C SER B 26 -9.08 -25.74 -3.57
N HIS B 27 -10.06 -25.55 -2.68
CA HIS B 27 -10.88 -26.64 -2.16
C HIS B 27 -12.33 -26.20 -2.13
N PHE B 28 -13.24 -27.17 -2.13
CA PHE B 28 -14.66 -26.86 -2.03
C PHE B 28 -14.94 -26.24 -0.68
N ILE B 29 -15.51 -25.04 -0.67
CA ILE B 29 -15.82 -24.39 0.61
C ILE B 29 -17.27 -23.94 0.71
N ALA B 30 -18.16 -24.57 -0.06
CA ALA B 30 -19.59 -24.25 0.03
C ALA B 30 -19.84 -22.74 -0.11
N ASN B 31 -20.47 -22.11 0.90
CA ASN B 31 -20.77 -20.69 0.81
C ASN B 31 -19.88 -19.82 1.70
N TYR B 32 -18.75 -20.33 2.19
CA TYR B 32 -17.98 -19.62 3.21
C TYR B 32 -16.93 -18.69 2.59
N VAL B 33 -17.42 -17.61 1.99
CA VAL B 33 -16.58 -16.58 1.40
C VAL B 33 -17.12 -15.21 1.82
N ASN B 34 -16.21 -14.33 2.19
CA ASN B 34 -16.45 -12.92 2.37
C ASN B 34 -15.76 -12.11 1.29
N TRP B 35 -16.35 -10.96 0.96
CA TRP B 35 -15.76 -9.98 0.06
C TRP B 35 -15.55 -8.66 0.82
N TYR B 36 -14.44 -7.99 0.52
CA TYR B 36 -14.06 -6.71 1.10
C TYR B 36 -13.69 -5.72 0.02
N GLN B 37 -13.87 -4.44 0.32
CA GLN B 37 -13.29 -3.36 -0.47
C GLN B 37 -12.15 -2.73 0.32
N GLN B 38 -11.08 -2.35 -0.37
CA GLN B 38 -10.03 -1.58 0.30
C GLN B 38 -9.54 -0.48 -0.63
N LYS B 39 -9.48 0.73 -0.09
CA LYS B 39 -8.96 1.90 -0.75
C LYS B 39 -7.59 2.26 -0.18
N PRO B 40 -6.73 2.93 -0.96
CA PRO B 40 -5.34 3.14 -0.53
C PRO B 40 -5.24 3.82 0.83
N GLY B 41 -4.45 3.21 1.72
CA GLY B 41 -4.22 3.79 3.02
C GLY B 41 -5.31 3.55 4.04
N LYS B 42 -6.28 2.69 3.74
CA LYS B 42 -7.43 2.48 4.62
C LYS B 42 -7.57 1.00 4.95
N ALA B 43 -8.31 0.73 6.03
CA ALA B 43 -8.64 -0.63 6.36
C ALA B 43 -9.73 -1.15 5.43
N PRO B 44 -9.82 -2.46 5.24
CA PRO B 44 -10.90 -3.01 4.40
C PRO B 44 -12.27 -2.77 5.01
N THR B 45 -13.29 -2.89 4.15
CA THR B 45 -14.70 -2.71 4.48
C THR B 45 -15.42 -3.98 4.05
N LEU B 46 -16.17 -4.59 4.95
CA LEU B 46 -16.89 -5.80 4.59
C LEU B 46 -18.05 -5.45 3.66
N LEU B 47 -18.19 -6.21 2.58
CA LEU B 47 -19.27 -6.03 1.63
C LEU B 47 -20.27 -7.17 1.67
N ILE B 48 -19.76 -8.39 1.71
CA ILE B 48 -20.55 -9.61 1.57
C ILE B 48 -20.00 -10.63 2.56
N PHE B 49 -20.89 -11.42 3.14
CA PHE B 49 -20.50 -12.60 3.87
C PHE B 49 -21.40 -13.76 3.44
N GLU B 50 -20.97 -14.97 3.78
CA GLU B 50 -21.59 -16.21 3.32
C GLU B 50 -21.87 -16.17 1.81
N SER B 51 -20.83 -15.73 1.07
CA SER B 51 -20.72 -15.66 -0.38
C SER B 51 -21.77 -14.80 -1.08
N SER B 52 -22.90 -14.50 -0.42
CA SER B 52 -23.93 -13.72 -1.11
C SER B 52 -24.81 -12.86 -0.21
N THR B 53 -24.62 -12.81 1.09
CA THR B 53 -25.42 -11.95 1.96
C THR B 53 -24.82 -10.55 1.99
N LEU B 54 -25.60 -9.55 1.59
CA LEU B 54 -25.13 -8.18 1.60
C LEU B 54 -25.02 -7.68 3.03
N GLN B 55 -23.89 -7.06 3.35
CA GLN B 55 -23.67 -6.54 4.70
C GLN B 55 -24.53 -5.31 4.94
N ARG B 56 -25.11 -5.20 6.14
CA ARG B 56 -25.97 -4.04 6.42
C ARG B 56 -25.19 -2.74 6.25
N GLY B 57 -25.80 -1.78 5.56
CA GLY B 57 -25.17 -0.51 5.26
C GLY B 57 -24.36 -0.46 3.97
N VAL B 58 -24.22 -1.57 3.25
CA VAL B 58 -23.52 -1.61 1.97
C VAL B 58 -24.56 -1.47 0.86
N PRO B 59 -24.34 -0.61 -0.14
CA PRO B 59 -25.39 -0.36 -1.13
C PRO B 59 -25.71 -1.61 -1.93
N SER B 60 -26.98 -1.71 -2.36
CA SER B 60 -27.47 -2.88 -3.05
C SER B 60 -26.93 -3.05 -4.48
N ARG B 61 -26.13 -2.12 -5.00
CA ARG B 61 -25.48 -2.40 -6.28
C ARG B 61 -24.43 -3.50 -6.15
N PHE B 62 -23.95 -3.78 -4.95
CA PHE B 62 -23.06 -4.91 -4.69
C PHE B 62 -23.85 -6.18 -4.48
N SER B 63 -23.54 -7.22 -5.26
CA SER B 63 -24.06 -8.55 -5.01
C SER B 63 -22.92 -9.55 -5.20
N ALA B 64 -23.17 -10.81 -4.85
CA ALA B 64 -22.15 -11.83 -5.05
C ALA B 64 -22.83 -13.19 -5.04
N TYR B 65 -22.16 -14.18 -5.63
CA TYR B 65 -22.62 -15.56 -5.62
C TYR B 65 -21.42 -16.48 -5.80
N GLY B 66 -21.66 -17.77 -5.59
CA GLY B 66 -20.59 -18.74 -5.77
C GLY B 66 -21.17 -20.13 -5.93
N ASP B 67 -20.28 -21.10 -6.22
CA ASP B 67 -20.72 -22.48 -6.38
C ASP B 67 -19.94 -23.45 -5.50
N GLY B 68 -19.28 -22.98 -4.44
CA GLY B 68 -18.40 -23.79 -3.64
C GLY B 68 -16.94 -23.74 -4.06
N THR B 69 -16.68 -23.49 -5.34
CA THR B 69 -15.28 -23.35 -5.78
C THR B 69 -15.01 -22.01 -6.47
N GLU B 70 -15.91 -21.55 -7.32
CA GLU B 70 -15.80 -20.25 -7.97
C GLU B 70 -16.83 -19.27 -7.39
N PHE B 71 -16.36 -18.10 -6.99
CA PHE B 71 -17.18 -17.09 -6.35
C PHE B 71 -17.02 -15.79 -7.12
N THR B 72 -18.12 -15.06 -7.25
CA THR B 72 -18.19 -13.89 -8.10
C THR B 72 -18.75 -12.70 -7.33
N LEU B 73 -18.05 -11.58 -7.37
CA LEU B 73 -18.55 -10.30 -6.84
C LEU B 73 -18.97 -9.41 -8.00
N SER B 74 -20.18 -8.86 -7.91
CA SER B 74 -20.74 -8.08 -9.00
C SER B 74 -21.12 -6.68 -8.53
N ILE B 75 -20.66 -5.67 -9.25
CA ILE B 75 -21.06 -4.29 -9.00
C ILE B 75 -21.94 -3.82 -10.15
N ASN B 76 -23.21 -3.56 -9.86
CA ASN B 76 -24.17 -3.28 -10.92
C ASN B 76 -25.12 -2.20 -10.43
N THR B 77 -24.75 -0.93 -10.66
CA THR B 77 -23.75 -0.50 -11.59
C THR B 77 -22.61 0.26 -10.92
N LEU B 78 -21.43 0.27 -11.55
CA LEU B 78 -20.26 0.91 -10.97
C LEU B 78 -20.48 2.41 -10.75
N GLN B 79 -20.08 2.88 -9.57
CA GLN B 79 -20.16 4.28 -9.16
C GLN B 79 -18.78 4.87 -8.90
N PRO B 80 -18.64 6.20 -8.93
CA PRO B 80 -17.31 6.82 -8.74
C PRO B 80 -16.59 6.38 -7.48
N GLU B 81 -17.28 6.24 -6.36
CA GLU B 81 -16.57 5.86 -5.14
C GLU B 81 -16.24 4.37 -5.08
N ASP B 82 -16.54 3.62 -6.14
CA ASP B 82 -16.28 2.19 -6.18
C ASP B 82 -14.94 1.85 -6.81
N PHE B 83 -14.23 2.82 -7.40
CA PHE B 83 -12.87 2.57 -7.88
C PHE B 83 -11.97 2.35 -6.66
N ALA B 84 -11.47 1.12 -6.52
CA ALA B 84 -10.85 0.64 -5.29
C ALA B 84 -10.35 -0.79 -5.56
N SER B 85 -9.72 -1.40 -4.56
CA SER B 85 -9.40 -2.81 -4.62
C SER B 85 -10.45 -3.65 -3.91
N TYR B 86 -10.67 -4.86 -4.44
CA TYR B 86 -11.63 -5.79 -3.87
C TYR B 86 -10.91 -7.09 -3.54
N ILE B 87 -11.24 -7.68 -2.40
CA ILE B 87 -10.51 -8.79 -1.82
C ILE B 87 -11.46 -9.86 -1.34
N CYS B 88 -11.23 -11.10 -1.76
CA CYS B 88 -12.02 -12.20 -1.22
C CYS B 88 -11.31 -12.85 -0.04
N GLN B 89 -12.08 -13.60 0.74
CA GLN B 89 -11.59 -14.24 1.94
C GLN B 89 -12.42 -15.50 2.16
N GLN B 90 -11.77 -16.61 2.47
CA GLN B 90 -12.51 -17.79 2.88
C GLN B 90 -12.67 -17.79 4.38
N SER B 91 -13.86 -18.13 4.82
CA SER B 91 -14.16 -18.24 6.24
C SER B 91 -14.45 -19.68 6.61
N HIS B 92 -14.02 -20.62 5.78
CA HIS B 92 -14.43 -22.00 5.96
C HIS B 92 -13.73 -22.66 7.14
N SER B 93 -12.44 -22.38 7.33
CA SER B 93 -11.67 -23.02 8.39
C SER B 93 -10.33 -22.30 8.52
N PRO B 94 -9.68 -22.39 9.69
CA PRO B 94 -8.43 -21.67 9.89
C PRO B 94 -7.27 -22.45 9.27
N PRO B 95 -6.18 -21.77 8.92
CA PRO B 95 -5.97 -20.33 9.00
C PRO B 95 -6.82 -19.58 7.98
N VAL B 96 -7.43 -18.48 8.40
CA VAL B 96 -8.11 -17.61 7.46
C VAL B 96 -7.13 -17.17 6.37
N THR B 97 -7.61 -17.14 5.12
CA THR B 97 -6.78 -16.78 3.99
C THR B 97 -7.57 -15.87 3.06
N PHE B 98 -6.85 -14.95 2.43
CA PHE B 98 -7.35 -13.91 1.54
C PHE B 98 -6.84 -14.12 0.11
N GLY B 99 -7.62 -13.64 -0.87
CA GLY B 99 -7.10 -13.47 -2.21
C GLY B 99 -6.16 -12.28 -2.28
N ALA B 100 -5.40 -12.21 -3.38
CA ALA B 100 -4.41 -11.17 -3.55
C ALA B 100 -5.01 -9.86 -4.00
N GLY B 101 -6.29 -9.82 -4.33
CA GLY B 101 -6.90 -8.55 -4.62
C GLY B 101 -7.14 -8.33 -6.10
N THR B 102 -8.15 -7.52 -6.41
CA THR B 102 -8.42 -7.06 -7.77
C THR B 102 -8.55 -5.55 -7.73
N ARG B 103 -7.76 -4.88 -8.57
CA ARG B 103 -7.78 -3.42 -8.66
C ARG B 103 -8.76 -2.99 -9.74
N VAL B 104 -9.79 -2.24 -9.34
CA VAL B 104 -10.76 -1.65 -10.28
C VAL B 104 -10.43 -0.17 -10.41
N ASP B 105 -10.10 0.28 -11.63
CA ASP B 105 -9.82 1.69 -11.86
C ASP B 105 -10.69 2.19 -13.02
N GLN B 106 -10.64 3.51 -13.27
CA GLN B 106 -11.51 4.14 -14.26
C GLN B 106 -10.89 4.10 -15.66
N LYS B 107 -11.66 3.57 -16.61
CA LYS B 107 -11.19 3.44 -17.98
C LYS B 107 -11.07 4.80 -18.66
N ARG B 108 -9.99 4.97 -19.43
CA ARG B 108 -9.80 6.12 -20.29
C ARG B 108 -9.06 5.63 -21.53
N THR B 109 -8.74 6.54 -22.45
CA THR B 109 -7.96 6.19 -23.63
C THR B 109 -6.49 5.97 -23.29
N VAL B 110 -5.83 5.13 -24.08
CA VAL B 110 -4.41 4.84 -23.86
C VAL B 110 -3.62 6.13 -23.99
N ALA B 111 -2.77 6.39 -23.00
CA ALA B 111 -1.90 7.57 -23.01
C ALA B 111 -0.48 7.15 -22.65
N ALA B 112 0.47 7.47 -23.54
CA ALA B 112 1.87 7.16 -23.30
C ALA B 112 2.49 8.10 -22.27
N PRO B 113 3.43 7.62 -21.48
CA PRO B 113 4.12 8.51 -20.52
C PRO B 113 5.15 9.40 -21.19
N SER B 114 5.35 10.55 -20.57
CA SER B 114 6.52 11.38 -20.82
C SER B 114 7.60 10.96 -19.84
N VAL B 115 8.79 10.64 -20.36
CA VAL B 115 9.86 10.05 -19.57
C VAL B 115 10.93 11.12 -19.35
N PHE B 116 11.44 11.20 -18.12
CA PHE B 116 12.53 12.08 -17.77
C PHE B 116 13.48 11.35 -16.85
N ILE B 117 14.77 11.65 -16.95
CA ILE B 117 15.79 11.08 -16.09
C ILE B 117 16.50 12.21 -15.36
N PHE B 118 16.83 11.98 -14.09
CA PHE B 118 17.47 12.97 -13.24
C PHE B 118 18.75 12.38 -12.68
N PRO B 119 19.90 13.02 -12.85
CA PRO B 119 21.10 12.58 -12.16
C PRO B 119 21.02 12.90 -10.68
N PRO B 120 21.79 12.21 -9.84
CA PRO B 120 21.86 12.62 -8.44
C PRO B 120 22.47 14.02 -8.31
N SER B 121 21.97 14.78 -7.35
CA SER B 121 22.51 16.09 -7.06
C SER B 121 23.96 15.98 -6.62
N ASP B 122 24.68 17.10 -6.65
CA ASP B 122 26.06 17.10 -6.17
C ASP B 122 26.13 17.05 -4.64
N GLU B 123 25.09 17.52 -3.96
CA GLU B 123 25.05 17.49 -2.49
C GLU B 123 24.84 16.07 -1.95
N GLN B 124 24.02 15.25 -2.60
CA GLN B 124 23.79 13.89 -2.10
C GLN B 124 25.07 13.06 -2.11
N LEU B 125 25.79 13.07 -3.24
CA LEU B 125 27.03 12.30 -3.36
C LEU B 125 27.99 12.60 -2.22
N LYS B 126 28.06 13.87 -1.80
CA LYS B 126 28.90 14.21 -0.66
C LYS B 126 28.54 13.38 0.57
N SER B 127 27.29 12.93 0.67
CA SER B 127 26.90 12.05 1.77
C SER B 127 27.14 10.57 1.47
N GLY B 128 27.66 10.23 0.30
CA GLY B 128 28.08 8.87 0.01
C GLY B 128 27.13 8.01 -0.80
N THR B 129 25.89 8.44 -1.03
CA THR B 129 24.93 7.68 -1.83
C THR B 129 24.56 8.48 -3.07
N ALA B 130 24.12 7.78 -4.11
CA ALA B 130 23.62 8.40 -5.33
C ALA B 130 22.27 7.79 -5.66
N SER B 131 21.24 8.64 -5.75
CA SER B 131 19.91 8.24 -6.21
C SER B 131 19.73 8.74 -7.63
N VAL B 132 19.45 7.82 -8.55
CA VAL B 132 19.07 8.19 -9.91
C VAL B 132 17.57 7.99 -10.05
N VAL B 133 16.89 9.00 -10.60
CA VAL B 133 15.42 9.00 -10.61
C VAL B 133 14.92 9.04 -12.04
N CYS B 134 14.00 8.14 -12.37
CA CYS B 134 13.29 8.11 -13.63
C CYS B 134 11.82 8.45 -13.39
N LEU B 135 11.29 9.40 -14.15
CA LEU B 135 9.93 9.86 -14.03
C LEU B 135 9.13 9.44 -15.26
N LEU B 136 8.00 8.78 -15.03
CA LEU B 136 7.01 8.46 -16.05
C LEU B 136 5.77 9.29 -15.73
N ASN B 137 5.36 10.16 -16.65
CA ASN B 137 4.38 11.19 -16.35
C ASN B 137 3.13 10.99 -17.21
N ASN B 138 1.97 10.89 -16.53
CA ASN B 138 0.64 11.07 -17.12
C ASN B 138 0.30 10.01 -18.17
N PHE B 139 0.29 8.77 -17.74
CA PHE B 139 0.09 7.65 -18.65
C PHE B 139 -1.11 6.81 -18.22
N TYR B 140 -1.57 5.95 -19.14
CA TYR B 140 -2.64 5.01 -18.86
C TYR B 140 -2.59 3.92 -19.92
N PRO B 141 -2.78 2.64 -19.56
CA PRO B 141 -3.06 2.12 -18.22
C PRO B 141 -1.85 2.11 -17.29
N ARG B 142 -2.07 1.65 -16.06
CA ARG B 142 -1.07 1.71 -15.00
C ARG B 142 0.14 0.81 -15.29
N GLU B 143 -0.04 -0.24 -16.08
CA GLU B 143 1.05 -1.19 -16.35
C GLU B 143 2.18 -0.47 -17.10
N ALA B 144 3.38 -0.50 -16.53
CA ALA B 144 4.54 0.08 -17.18
C ALA B 144 5.75 -0.77 -16.84
N LYS B 145 6.72 -0.83 -17.75
CA LYS B 145 7.98 -1.54 -17.54
C LYS B 145 9.12 -0.55 -17.59
N VAL B 146 9.93 -0.52 -16.52
CA VAL B 146 11.07 0.36 -16.40
C VAL B 146 12.31 -0.50 -16.26
N GLN B 147 13.27 -0.31 -17.15
CA GLN B 147 14.53 -1.03 -17.11
C GLN B 147 15.66 -0.01 -16.92
N TRP B 148 16.40 -0.13 -15.82
CA TRP B 148 17.58 0.68 -15.61
C TRP B 148 18.78 0.04 -16.30
N LYS B 149 19.60 0.86 -16.97
CA LYS B 149 20.83 0.40 -17.60
C LYS B 149 21.99 1.27 -17.16
N VAL B 150 23.09 0.66 -16.73
CA VAL B 150 24.30 1.38 -16.34
C VAL B 150 25.46 0.88 -17.18
N ASP B 151 26.03 1.77 -18.00
CA ASP B 151 26.99 1.41 -19.04
C ASP B 151 26.47 0.26 -19.89
N ASN B 152 25.14 0.27 -20.11
CA ASN B 152 24.44 -0.72 -20.91
C ASN B 152 24.31 -2.06 -20.19
N ALA B 153 24.64 -2.11 -18.90
CA ALA B 153 24.43 -3.30 -18.09
C ALA B 153 23.06 -3.20 -17.42
N LEU B 154 22.20 -4.17 -17.70
CA LEU B 154 20.89 -4.24 -17.05
C LEU B 154 21.05 -4.31 -15.54
N GLN B 155 20.19 -3.60 -14.83
CA GLN B 155 20.17 -3.60 -13.38
C GLN B 155 19.02 -4.45 -12.86
N SER B 156 19.25 -5.13 -11.74
CA SER B 156 18.22 -5.90 -11.05
C SER B 156 18.34 -5.66 -9.56
N GLY B 157 17.19 -5.46 -8.92
CA GLY B 157 17.16 -5.49 -7.48
C GLY B 157 17.67 -4.27 -6.75
N ASN B 158 17.98 -3.18 -7.45
CA ASN B 158 18.50 -2.00 -6.77
C ASN B 158 17.66 -0.74 -7.06
N SER B 159 16.39 -0.91 -7.41
CA SER B 159 15.52 0.22 -7.67
C SER B 159 14.21 0.07 -6.89
N GLN B 160 13.52 1.19 -6.72
CA GLN B 160 12.24 1.18 -6.04
C GLN B 160 11.27 2.09 -6.78
N GLU B 161 10.03 1.61 -6.91
CA GLU B 161 8.99 2.23 -7.70
C GLU B 161 7.99 2.93 -6.79
N SER B 162 7.42 4.03 -7.27
CA SER B 162 6.24 4.60 -6.60
C SER B 162 5.28 5.15 -7.64
N VAL B 163 4.01 4.80 -7.51
CA VAL B 163 2.98 5.19 -8.48
C VAL B 163 1.93 6.02 -7.76
N THR B 164 1.53 7.12 -8.37
CA THR B 164 0.45 7.92 -7.79
C THR B 164 -0.87 7.16 -7.84
N GLU B 165 -1.82 7.59 -7.01
CA GLU B 165 -3.19 7.19 -7.20
C GLU B 165 -3.69 7.76 -8.52
N GLN B 166 -4.62 7.05 -9.14
CA GLN B 166 -5.20 7.50 -10.41
C GLN B 166 -5.71 8.94 -10.29
N ASP B 167 -5.25 9.80 -11.20
CA ASP B 167 -5.57 11.22 -11.13
C ASP B 167 -7.08 11.44 -11.21
N SER B 168 -7.57 12.40 -10.42
CA SER B 168 -9.00 12.57 -10.25
C SER B 168 -9.65 13.22 -11.47
N LYS B 169 -8.94 14.12 -12.16
CA LYS B 169 -9.54 14.81 -13.28
C LYS B 169 -9.26 14.14 -14.62
N ASP B 170 -8.09 13.53 -14.84
CA ASP B 170 -7.82 12.96 -16.15
C ASP B 170 -7.58 11.46 -16.15
N SER B 171 -7.61 10.80 -14.99
CA SER B 171 -7.56 9.35 -14.85
C SER B 171 -6.21 8.76 -15.25
N THR B 172 -5.17 9.59 -15.35
CA THR B 172 -3.83 9.07 -15.64
C THR B 172 -3.10 8.73 -14.34
N TYR B 173 -1.97 8.05 -14.51
CA TYR B 173 -1.03 7.74 -13.46
C TYR B 173 0.31 8.39 -13.77
N SER B 174 1.10 8.59 -12.74
CA SER B 174 2.49 8.95 -12.87
C SER B 174 3.31 8.02 -12.00
N LEU B 175 4.56 7.78 -12.41
CA LEU B 175 5.36 6.77 -11.75
C LEU B 175 6.80 7.25 -11.65
N SER B 176 7.42 6.92 -10.52
CA SER B 176 8.79 7.28 -10.25
C SER B 176 9.56 5.98 -10.01
N SER B 177 10.76 5.90 -10.55
CA SER B 177 11.63 4.78 -10.28
C SER B 177 12.98 5.33 -9.87
N THR B 178 13.49 4.83 -8.75
CA THR B 178 14.67 5.39 -8.12
C THR B 178 15.72 4.31 -8.01
N LEU B 179 16.84 4.51 -8.71
CA LEU B 179 17.98 3.62 -8.65
C LEU B 179 18.95 4.09 -7.58
N THR B 180 19.34 3.20 -6.68
CA THR B 180 20.30 3.54 -5.63
C THR B 180 21.61 2.80 -5.85
N LEU B 181 22.70 3.55 -5.80
CA LEU B 181 24.06 3.04 -5.91
C LEU B 181 24.92 3.76 -4.89
N SER B 182 25.91 3.06 -4.35
CA SER B 182 26.94 3.75 -3.59
C SER B 182 27.61 4.80 -4.46
N LYS B 183 28.19 5.81 -3.81
CA LYS B 183 28.92 6.82 -4.58
C LYS B 183 30.07 6.19 -5.35
N ALA B 184 30.83 5.30 -4.70
CA ALA B 184 31.94 4.62 -5.36
C ALA B 184 31.47 3.90 -6.62
N ASP B 185 30.36 3.17 -6.51
CA ASP B 185 29.81 2.49 -7.68
C ASP B 185 29.36 3.49 -8.73
N TYR B 186 28.78 4.61 -8.29
CA TYR B 186 28.26 5.58 -9.25
C TYR B 186 29.37 6.22 -10.08
N GLU B 187 30.59 6.27 -9.54
CA GLU B 187 31.69 6.92 -10.23
C GLU B 187 32.54 5.94 -11.03
N LYS B 188 32.27 4.65 -10.94
CA LYS B 188 32.99 3.68 -11.78
C LYS B 188 32.37 3.55 -13.15
N HIS B 189 31.25 4.22 -13.40
CA HIS B 189 30.51 4.06 -14.65
C HIS B 189 30.08 5.42 -15.17
N LYS B 190 29.74 5.47 -16.46
CA LYS B 190 29.47 6.72 -17.17
C LYS B 190 28.02 6.93 -17.58
N VAL B 191 27.40 5.95 -18.23
CA VAL B 191 26.15 6.15 -18.96
C VAL B 191 25.00 5.56 -18.15
N TYR B 192 24.07 6.40 -17.73
CA TYR B 192 22.93 5.98 -16.91
C TYR B 192 21.66 6.14 -17.72
N ALA B 193 20.95 5.04 -17.93
CA ALA B 193 19.79 5.05 -18.81
C ALA B 193 18.58 4.46 -18.13
N CYS B 194 17.41 5.02 -18.46
CA CYS B 194 16.12 4.52 -18.02
C CYS B 194 15.28 4.19 -19.25
N GLU B 195 14.96 2.92 -19.45
CA GLU B 195 14.19 2.47 -20.62
C GLU B 195 12.76 2.11 -20.23
N VAL B 196 11.79 2.71 -20.92
CA VAL B 196 10.39 2.62 -20.54
C VAL B 196 9.60 1.94 -21.64
N THR B 197 8.85 0.91 -21.28
CA THR B 197 8.02 0.16 -22.21
C THR B 197 6.57 0.32 -21.79
N HIS B 198 5.72 0.74 -22.72
CA HIS B 198 4.35 1.02 -22.35
C HIS B 198 3.44 0.84 -23.55
N GLN B 199 2.20 0.41 -23.27
CA GLN B 199 1.22 0.14 -24.32
C GLN B 199 1.08 1.30 -25.30
N GLY B 200 1.20 2.54 -24.81
CA GLY B 200 1.04 3.70 -25.67
C GLY B 200 2.22 4.03 -26.56
N LEU B 201 3.35 3.37 -26.37
CA LEU B 201 4.56 3.66 -27.13
C LEU B 201 4.71 2.62 -28.23
N SER B 202 5.00 3.07 -29.45
CA SER B 202 5.21 2.11 -30.54
C SER B 202 6.43 1.25 -30.28
N SER B 203 7.44 1.80 -29.61
CA SER B 203 8.61 1.04 -29.21
C SER B 203 9.16 1.67 -27.94
N PRO B 204 10.03 0.97 -27.22
CA PRO B 204 10.48 1.49 -25.92
C PRO B 204 11.24 2.79 -26.05
N VAL B 205 11.04 3.67 -25.06
CA VAL B 205 11.66 4.99 -25.01
C VAL B 205 12.78 4.97 -23.97
N THR B 206 13.94 5.52 -24.32
CA THR B 206 15.10 5.54 -23.45
C THR B 206 15.55 6.98 -23.23
N LYS B 207 15.65 7.37 -21.96
CA LYS B 207 16.29 8.63 -21.58
C LYS B 207 17.57 8.33 -20.82
N SER B 208 18.59 9.15 -21.02
CA SER B 208 19.87 8.86 -20.39
C SER B 208 20.66 10.13 -20.18
N PHE B 209 21.75 9.99 -19.43
CA PHE B 209 22.74 11.05 -19.27
C PHE B 209 24.10 10.42 -19.05
N ASN B 210 25.15 11.15 -19.42
CA ASN B 210 26.51 10.79 -19.05
C ASN B 210 26.89 11.56 -17.79
N ARG B 211 27.43 10.84 -16.81
CA ARG B 211 27.89 11.46 -15.57
C ARG B 211 28.88 12.59 -15.86
N GLY B 212 28.68 13.72 -15.18
CA GLY B 212 29.60 14.84 -15.24
C GLY B 212 29.27 15.88 -16.29
N GLU B 213 28.43 15.55 -17.27
CA GLU B 213 28.09 16.49 -18.33
C GLU B 213 26.65 16.97 -18.18
#